data_3Q7I
#
_entry.id   3Q7I
#
_cell.length_a   114.439
_cell.length_b   114.439
_cell.length_c   84.319
_cell.angle_alpha   90.000
_cell.angle_beta   90.000
_cell.angle_gamma   120.000
#
_symmetry.space_group_name_H-M   'P 32 2 1'
#
loop_
_entity.id
_entity.type
_entity.pdbx_description
1 polymer 'Glucose-6-phosphate isomerase'
2 non-polymer '6-PHOSPHOGLUCONIC ACID'
3 non-polymer '2-(N-MORPHOLINO)-ETHANESULFONIC ACID'
4 non-polymer 'PHOSPHATE ION'
5 non-polymer 'ISOPROPYL ALCOHOL'
6 non-polymer 'CALCIUM ION'
7 water water
#
_entity_poly.entity_id   1
_entity_poly.type   'polypeptide(L)'
_entity_poly.pdbx_seq_one_letter_code
;SNAMLFCDDSKKYLKEQNINLKNEFDKDDKRVEKFSLKHQNIYFDYSKNLINDYILKSLLESAEKSSLKDKIKQMFNGAK
INSTEHRAVLHTALRDLSSTPLIVDGQDIRQEVTKEKQRVKELVEKVVSGRWRGFSGKKITDIVNIGIGGSDLGPKMVVR
ALQPYHCTDLKVHFVSNVDADSLLQALHVVDPETTLLIIASKSFSTEETLLNSISAREWLLDHYEDEKAVANHFVAISSK
LDKVKEFGIDLEHCYKMWDWVGGRYSLWSSIGMSIAFAIGYDNFEKLLAGAYSVDKHFKETEFSKNIPVIMALLASYYSC
TYNSQSQALLPYDERLCYFVDYLQQADMESNGKSVNIAGETVNYQTGVVLWGGVGTNGQHAFHQLLHQGNIFIPVDFIAI
ATSHHNYDNHQQALLANCFAQSQALMFGQSYDMVYNELLKSGLNETQAKELAAHKVIPGNRPSTTILLDELSPYSLGALI
ALYEHKIFVQGVLWDINSYDQWGVELGKKLGKNILKAMNDDSSDEYQNLDDSTRQLIAKVKNK
;
_entity_poly.pdbx_strand_id   A
#
loop_
_chem_comp.id
_chem_comp.type
_chem_comp.name
_chem_comp.formula
6PG D-saccharide '6-PHOSPHOGLUCONIC ACID' 'C6 H13 O10 P'
CA non-polymer 'CALCIUM ION' 'Ca 2'
IPA non-polymer 'ISOPROPYL ALCOHOL' 'C3 H8 O'
MES non-polymer '2-(N-MORPHOLINO)-ETHANESULFONIC ACID' 'C6 H13 N O4 S'
PO4 non-polymer 'PHOSPHATE ION' 'O4 P -3'
#
# COMPACT_ATOMS: atom_id res chain seq x y z
N ASN A 2 -20.94 -17.72 12.31
CA ASN A 2 -21.59 -17.09 13.50
CA ASN A 2 -21.62 -17.06 13.48
C ASN A 2 -20.84 -15.84 13.97
N ALA A 3 -20.01 -15.28 13.09
CA ALA A 3 -19.28 -14.09 13.45
C ALA A 3 -20.29 -12.95 13.58
N MET A 4 -19.94 -11.96 14.41
CA MET A 4 -20.69 -10.72 14.50
C MET A 4 -20.81 -10.05 13.13
N LEU A 5 -22.01 -9.57 12.82
CA LEU A 5 -22.26 -8.84 11.58
C LEU A 5 -21.98 -7.36 11.79
N PHE A 6 -21.00 -6.79 11.06
CA PHE A 6 -20.68 -5.40 11.23
C PHE A 6 -21.72 -4.51 10.55
N CYS A 7 -22.02 -4.79 9.28
CA CYS A 7 -22.96 -3.96 8.53
CA CYS A 7 -22.97 -4.03 8.48
C CYS A 7 -24.38 -4.48 8.76
N ASP A 8 -24.94 -4.05 9.88
CA ASP A 8 -26.25 -4.51 10.29
C ASP A 8 -27.25 -3.37 10.29
N ASP A 9 -28.49 -3.65 10.69
CA ASP A 9 -29.53 -2.59 10.69
C ASP A 9 -29.19 -1.40 11.56
N SER A 10 -28.61 -1.67 12.70
CA SER A 10 -28.15 -0.65 13.66
C SER A 10 -27.23 0.40 13.01
N LYS A 11 -26.30 -0.03 12.15
CA LYS A 11 -25.38 0.91 11.48
C LYS A 11 -26.12 1.79 10.49
N LYS A 12 -26.93 1.12 9.65
CA LYS A 12 -27.69 1.81 8.61
C LYS A 12 -28.43 3.01 9.21
N TYR A 13 -28.92 2.86 10.45
N TYR A 13 -28.91 2.90 10.45
CA TYR A 13 -29.66 3.89 11.24
CA TYR A 13 -29.68 3.96 11.08
C TYR A 13 -28.87 4.95 12.07
C TYR A 13 -28.88 5.05 11.83
N LEU A 14 -27.56 4.79 12.21
N LEU A 14 -27.64 4.77 12.27
CA LEU A 14 -26.75 5.79 12.90
C LEU A 14 -26.67 7.09 12.06
N LYS A 15 -26.83 6.90 10.76
CA LYS A 15 -26.82 7.96 9.78
C LYS A 15 -27.97 8.93 10.05
N GLU A 16 -29.05 8.41 10.63
CA GLU A 16 -30.22 9.24 10.94
C GLU A 16 -29.96 10.30 12.02
N GLN A 17 -28.82 10.25 12.69
CA GLN A 17 -28.36 11.37 13.52
C GLN A 17 -28.21 12.66 12.72
N ASN A 18 -28.07 12.53 11.42
CA ASN A 18 -27.98 13.71 10.51
CA ASN A 18 -27.93 13.67 10.48
C ASN A 18 -26.93 14.73 10.96
N ILE A 19 -25.72 14.26 11.14
CA ILE A 19 -24.64 15.10 11.64
C ILE A 19 -24.42 16.28 10.70
N ASN A 20 -24.39 17.47 11.29
CA ASN A 20 -24.02 18.70 10.60
C ASN A 20 -22.73 19.14 11.22
N LEU A 21 -21.65 19.10 10.44
CA LEU A 21 -20.32 19.37 10.97
C LEU A 21 -20.16 20.80 11.47
N LYS A 22 -20.68 21.76 10.72
CA LYS A 22 -20.64 23.16 11.19
C LYS A 22 -21.29 23.30 12.57
N ASN A 23 -22.45 22.71 12.71
CA ASN A 23 -23.21 22.81 13.97
C ASN A 23 -22.43 22.13 15.09
N GLU A 24 -21.81 20.96 14.82
CA GLU A 24 -21.04 20.29 15.83
C GLU A 24 -19.88 21.10 16.34
N PHE A 25 -19.11 21.73 15.44
CA PHE A 25 -17.98 22.54 15.87
C PHE A 25 -18.43 23.82 16.59
N ASP A 26 -19.59 24.35 16.20
CA ASP A 26 -20.16 25.54 16.82
CA ASP A 26 -20.14 25.56 16.81
C ASP A 26 -20.57 25.26 18.24
N LYS A 27 -21.15 24.08 18.46
CA LYS A 27 -21.76 23.80 19.77
CA LYS A 27 -21.80 23.71 19.74
C LYS A 27 -20.89 23.01 20.75
N ASP A 28 -19.87 22.35 20.25
CA ASP A 28 -19.08 21.45 21.06
C ASP A 28 -17.64 21.92 21.13
N ASP A 29 -17.27 22.61 22.19
CA ASP A 29 -15.92 23.14 22.30
C ASP A 29 -14.89 22.06 22.61
N LYS A 30 -15.33 20.82 22.80
CA LYS A 30 -14.38 19.72 22.98
CA LYS A 30 -14.38 19.71 22.98
C LYS A 30 -14.31 18.79 21.76
N ARG A 31 -14.84 19.26 20.64
CA ARG A 31 -14.92 18.36 19.48
C ARG A 31 -13.55 17.84 19.06
N VAL A 32 -12.54 18.72 18.96
CA VAL A 32 -11.22 18.25 18.50
C VAL A 32 -10.58 17.31 19.53
N GLU A 33 -10.69 17.67 20.81
CA GLU A 33 -10.12 16.85 21.90
C GLU A 33 -10.73 15.45 21.84
N LYS A 34 -12.05 15.37 21.62
CA LYS A 34 -12.75 14.08 21.60
C LYS A 34 -12.33 13.24 20.41
N PHE A 35 -12.13 13.90 19.27
CA PHE A 35 -12.00 13.20 17.96
C PHE A 35 -10.65 13.46 17.29
N SER A 36 -9.61 13.39 18.10
CA SER A 36 -8.24 13.39 17.61
C SER A 36 -7.40 12.52 18.55
N LEU A 37 -6.30 12.01 18.02
CA LEU A 37 -5.38 11.17 18.76
C LEU A 37 -3.97 11.53 18.34
N LYS A 38 -3.00 11.21 19.20
CA LYS A 38 -1.63 11.40 18.89
C LYS A 38 -0.88 10.09 19.09
N HIS A 39 0.06 9.84 18.19
CA HIS A 39 1.01 8.76 18.39
C HIS A 39 2.39 9.36 18.08
N GLN A 40 3.19 9.55 19.13
CA GLN A 40 4.48 10.19 19.00
C GLN A 40 4.28 11.49 18.23
N ASN A 41 4.95 11.67 17.11
CA ASN A 41 4.86 12.93 16.38
C ASN A 41 3.91 12.84 15.20
N ILE A 42 2.98 11.90 15.23
CA ILE A 42 1.84 11.89 14.29
C ILE A 42 0.58 12.34 14.99
N TYR A 43 -0.11 13.31 14.38
CA TYR A 43 -1.38 13.81 14.87
C TYR A 43 -2.50 13.30 13.94
N PHE A 44 -3.47 12.59 14.50
CA PHE A 44 -4.57 12.02 13.76
C PHE A 44 -5.83 12.76 14.11
N ASP A 45 -6.30 13.63 13.21
CA ASP A 45 -7.48 14.47 13.46
C ASP A 45 -8.65 13.97 12.65
N TYR A 46 -9.58 13.25 13.30
CA TYR A 46 -10.77 12.72 12.65
C TYR A 46 -12.04 13.50 12.97
N SER A 47 -11.84 14.72 13.45
CA SER A 47 -12.95 15.50 13.90
C SER A 47 -13.89 16.05 12.81
N LYS A 48 -13.41 16.12 11.56
CA LYS A 48 -14.26 16.51 10.45
C LYS A 48 -15.02 15.34 9.84
N ASN A 49 -15.06 14.22 10.55
CA ASN A 49 -15.89 13.11 10.11
C ASN A 49 -17.34 13.23 10.63
N LEU A 50 -18.24 12.55 9.92
CA LEU A 50 -19.68 12.62 10.21
C LEU A 50 -20.06 11.73 11.38
N ILE A 51 -19.51 12.09 12.53
CA ILE A 51 -19.69 11.34 13.76
C ILE A 51 -19.98 12.32 14.88
N ASN A 52 -20.58 11.78 15.94
CA ASN A 52 -20.67 12.40 17.22
C ASN A 52 -20.39 11.29 18.26
N ASP A 53 -20.60 11.61 19.53
CA ASP A 53 -20.32 10.61 20.56
C ASP A 53 -21.15 9.32 20.34
N TYR A 54 -22.42 9.44 20.02
CA TYR A 54 -23.30 8.26 19.91
C TYR A 54 -22.88 7.34 18.77
N ILE A 55 -22.49 7.95 17.66
CA ILE A 55 -22.06 7.15 16.53
C ILE A 55 -20.75 6.48 16.84
N LEU A 56 -19.80 7.21 17.44
CA LEU A 56 -18.51 6.61 17.70
C LEU A 56 -18.66 5.50 18.70
N LYS A 57 -19.51 5.71 19.70
CA LYS A 57 -19.76 4.68 20.70
CA LYS A 57 -19.63 4.67 20.69
C LYS A 57 -20.29 3.40 20.11
N SER A 58 -21.22 3.57 19.19
CA SER A 58 -21.85 2.43 18.53
CA SER A 58 -21.85 2.41 18.58
C SER A 58 -20.82 1.66 17.73
N LEU A 59 -19.99 2.40 17.00
CA LEU A 59 -18.95 1.76 16.22
C LEU A 59 -17.96 1.04 17.14
N LEU A 60 -17.48 1.68 18.17
CA LEU A 60 -16.57 1.01 19.10
C LEU A 60 -17.19 -0.23 19.76
N GLU A 61 -18.48 -0.18 20.09
CA GLU A 61 -19.18 -1.41 20.58
C GLU A 61 -19.10 -2.54 19.62
N SER A 62 -19.26 -2.27 18.34
CA SER A 62 -19.12 -3.30 17.31
CA SER A 62 -19.13 -3.31 17.32
C SER A 62 -17.71 -3.89 17.34
N ALA A 63 -16.70 -3.03 17.44
CA ALA A 63 -15.32 -3.54 17.52
C ALA A 63 -15.15 -4.38 18.78
N GLU A 64 -15.67 -3.90 19.88
CA GLU A 64 -15.51 -4.64 21.16
C GLU A 64 -16.22 -5.97 21.12
N LYS A 65 -17.36 -6.06 20.42
CA LYS A 65 -18.15 -7.27 20.34
CA LYS A 65 -18.16 -7.27 20.38
C LYS A 65 -17.61 -8.29 19.36
N SER A 66 -16.74 -7.81 18.47
CA SER A 66 -16.17 -8.63 17.43
C SER A 66 -15.03 -9.49 17.99
N SER A 67 -14.44 -10.24 17.06
CA SER A 67 -13.27 -11.06 17.39
C SER A 67 -11.96 -10.29 17.34
N LEU A 68 -12.02 -8.96 17.16
CA LEU A 68 -10.83 -8.18 16.90
C LEU A 68 -9.74 -8.33 17.96
N LYS A 69 -10.11 -8.23 19.24
CA LYS A 69 -9.14 -8.33 20.31
C LYS A 69 -8.36 -9.65 20.18
N ASP A 70 -9.08 -10.74 19.93
CA ASP A 70 -8.44 -12.06 19.79
CA ASP A 70 -8.40 -12.02 19.81
C ASP A 70 -7.59 -12.11 18.52
N LYS A 71 -8.14 -11.55 17.42
CA LYS A 71 -7.42 -11.60 16.14
C LYS A 71 -6.11 -10.83 16.17
N ILE A 72 -6.07 -9.70 16.89
CA ILE A 72 -4.80 -8.97 17.04
C ILE A 72 -3.72 -9.87 17.70
N LYS A 73 -4.11 -10.51 18.78
CA LYS A 73 -3.20 -11.39 19.49
CA LYS A 73 -3.23 -11.39 19.51
C LYS A 73 -2.76 -12.52 18.59
N GLN A 74 -3.70 -13.10 17.84
CA GLN A 74 -3.39 -14.23 16.92
C GLN A 74 -2.38 -13.80 15.84
N MET A 75 -2.60 -12.61 15.27
CA MET A 75 -1.69 -12.13 14.25
C MET A 75 -0.28 -12.07 14.83
N PHE A 76 -0.12 -11.39 15.96
CA PHE A 76 1.24 -11.17 16.47
C PHE A 76 1.89 -12.47 16.95
N ASN A 77 1.09 -13.42 17.41
CA ASN A 77 1.57 -14.69 17.96
C ASN A 77 1.90 -15.74 16.91
N GLY A 78 1.59 -15.43 15.66
CA GLY A 78 1.87 -16.34 14.54
C GLY A 78 0.86 -17.43 14.30
N ALA A 79 -0.36 -17.23 14.79
CA ALA A 79 -1.44 -18.13 14.42
C ALA A 79 -1.69 -18.06 12.91
N LYS A 80 -2.25 -19.12 12.36
CA LYS A 80 -2.42 -19.23 10.94
CA LYS A 80 -2.43 -19.24 10.93
C LYS A 80 -3.72 -18.54 10.50
N ILE A 81 -3.73 -17.22 10.67
CA ILE A 81 -4.90 -16.41 10.32
C ILE A 81 -5.14 -16.26 8.84
N ASN A 82 -4.13 -16.56 8.00
CA ASN A 82 -4.35 -16.71 6.59
C ASN A 82 -4.86 -18.14 6.42
N SER A 83 -6.18 -18.30 6.56
CA SER A 83 -6.75 -19.62 6.80
C SER A 83 -6.85 -20.41 5.54
N THR A 84 -6.96 -19.78 4.40
CA THR A 84 -7.11 -20.52 3.17
C THR A 84 -5.80 -21.05 2.60
N GLU A 85 -4.67 -20.43 2.95
CA GLU A 85 -3.33 -20.91 2.56
C GLU A 85 -2.61 -21.57 3.75
N HIS A 86 -3.26 -21.59 4.90
CA HIS A 86 -2.75 -22.14 6.15
C HIS A 86 -1.38 -21.55 6.50
N ARG A 87 -1.36 -20.24 6.57
CA ARG A 87 -0.13 -19.48 6.85
C ARG A 87 -0.35 -18.49 7.99
N ALA A 88 0.75 -18.22 8.68
CA ALA A 88 0.81 -17.11 9.59
C ALA A 88 0.90 -15.83 8.78
N VAL A 89 0.72 -14.69 9.46
CA VAL A 89 0.70 -13.39 8.84
C VAL A 89 1.56 -12.52 9.73
N LEU A 90 2.84 -12.42 9.38
CA LEU A 90 3.89 -12.00 10.28
C LEU A 90 4.79 -10.89 9.72
N HIS A 91 4.22 -10.02 8.87
CA HIS A 91 4.95 -8.84 8.52
C HIS A 91 5.35 -8.02 9.75
N THR A 92 4.53 -8.05 10.81
CA THR A 92 4.93 -7.39 12.04
C THR A 92 6.28 -7.87 12.57
N ALA A 93 6.55 -9.17 12.47
CA ALA A 93 7.76 -9.70 13.02
C ALA A 93 9.00 -9.20 12.32
N LEU A 94 8.87 -8.76 11.05
CA LEU A 94 9.99 -8.29 10.28
C LEU A 94 10.60 -7.02 10.90
N ARG A 95 9.80 -6.25 11.64
CA ARG A 95 10.26 -4.99 12.26
C ARG A 95 10.23 -5.02 13.77
N ASP A 96 10.12 -6.22 14.34
CA ASP A 96 10.01 -6.31 15.80
C ASP A 96 11.27 -5.77 16.52
N LEU A 97 10.98 -5.04 17.61
CA LEU A 97 12.01 -4.59 18.58
C LEU A 97 11.73 -5.09 19.98
N SER A 98 10.63 -5.82 20.18
CA SER A 98 10.31 -6.34 21.54
C SER A 98 11.19 -7.47 22.00
N SER A 99 11.62 -8.31 21.07
CA SER A 99 12.41 -9.49 21.31
CA SER A 99 12.42 -9.50 21.32
C SER A 99 11.70 -10.53 22.19
N THR A 100 10.38 -10.50 22.23
CA THR A 100 9.63 -11.51 22.96
C THR A 100 9.74 -12.86 22.25
N PRO A 101 9.57 -13.98 22.99
CA PRO A 101 9.69 -15.23 22.29
C PRO A 101 8.67 -15.46 21.19
N LEU A 102 9.13 -15.99 20.04
CA LEU A 102 8.20 -16.22 18.95
C LEU A 102 8.71 -17.39 18.10
N ILE A 103 8.02 -18.50 18.20
CA ILE A 103 8.38 -19.76 17.53
C ILE A 103 7.18 -20.11 16.67
N VAL A 104 7.40 -20.22 15.38
CA VAL A 104 6.33 -20.55 14.45
C VAL A 104 6.83 -21.62 13.50
N ASP A 105 6.05 -22.71 13.46
CA ASP A 105 6.35 -23.87 12.60
CA ASP A 105 6.36 -23.77 12.51
C ASP A 105 7.81 -24.20 12.75
N GLY A 106 8.19 -24.32 14.01
CA GLY A 106 9.53 -24.75 14.34
C GLY A 106 10.65 -23.78 14.24
N GLN A 107 10.41 -22.58 13.75
CA GLN A 107 11.47 -21.60 13.55
CA GLN A 107 11.50 -21.62 13.57
C GLN A 107 11.43 -20.55 14.64
N ASP A 108 12.59 -20.17 15.14
CA ASP A 108 12.72 -19.07 16.04
C ASP A 108 12.65 -17.81 15.14
N ILE A 109 11.49 -17.16 15.14
CA ILE A 109 11.25 -16.05 14.21
C ILE A 109 12.17 -14.89 14.52
N ARG A 110 12.47 -14.64 15.82
CA ARG A 110 13.37 -13.56 16.16
C ARG A 110 14.74 -13.78 15.56
N GLN A 111 15.27 -15.00 15.72
CA GLN A 111 16.59 -15.35 15.19
C GLN A 111 16.57 -15.28 13.66
N GLU A 112 15.55 -15.82 13.03
CA GLU A 112 15.48 -15.86 11.56
CA GLU A 112 15.52 -15.87 11.57
C GLU A 112 15.47 -14.46 10.99
N VAL A 113 14.64 -13.59 11.53
CA VAL A 113 14.51 -12.22 11.04
C VAL A 113 15.82 -11.50 11.24
N THR A 114 16.40 -11.58 12.42
CA THR A 114 17.64 -10.86 12.76
C THR A 114 18.81 -11.33 11.88
N LYS A 115 18.92 -12.63 11.68
CA LYS A 115 20.04 -13.17 10.90
CA LYS A 115 20.04 -13.16 10.90
C LYS A 115 19.94 -12.70 9.46
N GLU A 116 18.74 -12.68 8.91
CA GLU A 116 18.60 -12.27 7.53
CA GLU A 116 18.60 -12.25 7.49
C GLU A 116 18.88 -10.76 7.36
N LYS A 117 18.45 -9.93 8.31
CA LYS A 117 18.82 -8.51 8.30
C LYS A 117 20.30 -8.32 8.30
N GLN A 118 21.00 -9.08 9.12
CA GLN A 118 22.44 -8.94 9.18
CA GLN A 118 22.46 -9.01 9.20
C GLN A 118 23.06 -9.31 7.81
N ARG A 119 22.52 -10.34 7.13
CA ARG A 119 23.01 -10.67 5.78
C ARG A 119 22.76 -9.54 4.76
N VAL A 120 21.58 -8.92 4.78
CA VAL A 120 21.30 -7.82 3.86
C VAL A 120 22.22 -6.64 4.17
N LYS A 121 22.37 -6.32 5.45
CA LYS A 121 23.21 -5.21 5.88
C LYS A 121 24.64 -5.45 5.36
N GLU A 122 25.15 -6.68 5.49
CA GLU A 122 26.50 -6.99 5.02
CA GLU A 122 26.50 -7.01 5.02
C GLU A 122 26.63 -6.84 3.52
N LEU A 123 25.62 -7.27 2.78
CA LEU A 123 25.65 -7.11 1.33
C LEU A 123 25.70 -5.65 0.97
N VAL A 124 24.85 -4.83 1.57
CA VAL A 124 24.80 -3.42 1.23
C VAL A 124 26.16 -2.80 1.52
N GLU A 125 26.73 -3.10 2.69
CA GLU A 125 28.02 -2.53 3.08
CA GLU A 125 28.01 -2.51 3.09
C GLU A 125 29.12 -2.93 2.15
N LYS A 126 29.12 -4.19 1.72
CA LYS A 126 30.15 -4.73 0.84
CA LYS A 126 30.17 -4.71 0.83
C LYS A 126 30.08 -4.02 -0.52
N VAL A 127 28.87 -3.84 -1.00
CA VAL A 127 28.66 -3.16 -2.29
C VAL A 127 29.02 -1.66 -2.23
N VAL A 128 28.54 -0.99 -1.20
CA VAL A 128 28.76 0.46 -1.10
C VAL A 128 30.24 0.76 -0.86
N SER A 129 30.93 -0.08 -0.06
CA SER A 129 32.35 0.14 0.28
C SER A 129 33.27 -0.19 -0.91
N GLY A 130 32.74 -0.85 -1.93
CA GLY A 130 33.58 -1.34 -3.01
C GLY A 130 34.27 -2.64 -2.80
N ARG A 131 34.01 -3.35 -1.71
CA ARG A 131 34.51 -4.69 -1.53
C ARG A 131 33.93 -5.70 -2.50
N TRP A 132 32.64 -5.56 -2.79
CA TRP A 132 31.98 -6.26 -3.89
C TRP A 132 32.32 -5.59 -5.19
N ARG A 133 32.95 -6.31 -6.10
CA ARG A 133 33.26 -5.79 -7.43
C ARG A 133 32.50 -6.58 -8.50
N GLY A 134 32.27 -5.94 -9.64
CA GLY A 134 31.81 -6.67 -10.77
C GLY A 134 32.83 -7.63 -11.32
N PHE A 135 32.42 -8.41 -12.32
CA PHE A 135 33.25 -9.48 -12.83
C PHE A 135 34.56 -8.95 -13.44
N SER A 136 34.51 -7.74 -13.97
CA SER A 136 35.77 -7.11 -14.49
C SER A 136 36.51 -6.27 -13.46
N GLY A 137 36.08 -6.30 -12.20
CA GLY A 137 36.78 -5.69 -11.09
C GLY A 137 36.35 -4.29 -10.75
N LYS A 138 35.25 -3.80 -11.34
CA LYS A 138 34.83 -2.43 -11.13
C LYS A 138 33.85 -2.33 -9.98
N LYS A 139 33.89 -1.20 -9.27
CA LYS A 139 32.91 -0.89 -8.22
CA LYS A 139 32.90 -0.94 -8.23
C LYS A 139 31.50 -0.74 -8.83
N ILE A 140 30.51 -1.21 -8.10
CA ILE A 140 29.12 -1.11 -8.51
C ILE A 140 28.64 0.31 -8.33
N THR A 141 27.91 0.81 -9.33
CA THR A 141 27.33 2.15 -9.29
C THR A 141 25.81 2.15 -9.40
N ASP A 142 25.19 1.03 -9.82
CA ASP A 142 23.79 0.94 -10.12
C ASP A 142 23.23 -0.38 -9.62
N ILE A 143 22.01 -0.32 -9.10
CA ILE A 143 21.26 -1.46 -8.62
C ILE A 143 19.97 -1.50 -9.41
N VAL A 144 19.62 -2.67 -9.94
CA VAL A 144 18.36 -2.85 -10.68
C VAL A 144 17.56 -3.94 -10.00
N ASN A 145 16.43 -3.56 -9.44
CA ASN A 145 15.50 -4.51 -8.84
C ASN A 145 14.60 -5.02 -9.93
N ILE A 146 14.44 -6.32 -10.04
CA ILE A 146 13.55 -6.98 -11.02
C ILE A 146 12.49 -7.70 -10.21
N GLY A 147 11.26 -7.24 -10.29
CA GLY A 147 10.15 -7.84 -9.57
C GLY A 147 8.87 -7.15 -9.88
N ILE A 148 7.74 -7.73 -9.50
CA ILE A 148 6.47 -7.09 -9.82
C ILE A 148 5.52 -7.16 -8.61
N GLY A 149 4.54 -6.27 -8.55
CA GLY A 149 3.57 -6.30 -7.46
C GLY A 149 4.24 -6.04 -6.11
N GLY A 150 4.01 -6.96 -5.21
CA GLY A 150 4.64 -6.87 -3.89
C GLY A 150 6.14 -6.87 -3.91
N SER A 151 6.76 -7.39 -4.97
CA SER A 151 8.20 -7.38 -5.12
C SER A 151 8.76 -6.19 -5.84
N ASP A 152 7.95 -5.18 -6.04
CA ASP A 152 8.30 -3.95 -6.75
C ASP A 152 7.84 -2.69 -6.04
N LEU A 153 6.56 -2.58 -5.77
CA LEU A 153 5.93 -1.27 -5.54
C LEU A 153 6.33 -0.67 -4.18
N GLY A 154 6.41 -1.47 -3.12
CA GLY A 154 6.82 -0.93 -1.83
C GLY A 154 8.19 -0.37 -1.87
N PRO A 155 9.19 -1.11 -2.36
CA PRO A 155 10.54 -0.54 -2.46
C PRO A 155 10.58 0.72 -3.34
N LYS A 156 9.87 0.70 -4.47
CA LYS A 156 9.87 1.85 -5.40
C LYS A 156 9.28 3.05 -4.68
N MET A 157 8.15 2.86 -3.99
CA MET A 157 7.49 3.98 -3.32
C MET A 157 8.39 4.58 -2.23
N VAL A 158 9.00 3.71 -1.43
CA VAL A 158 9.83 4.14 -0.29
C VAL A 158 11.13 4.84 -0.77
N VAL A 159 11.75 4.30 -1.81
CA VAL A 159 12.94 4.91 -2.38
C VAL A 159 12.59 6.35 -2.80
N ARG A 160 11.48 6.55 -3.49
CA ARG A 160 11.07 7.93 -3.82
C ARG A 160 10.77 8.75 -2.63
N ALA A 161 10.02 8.20 -1.68
CA ALA A 161 9.51 8.97 -0.54
C ALA A 161 10.65 9.46 0.32
N LEU A 162 11.75 8.71 0.36
CA LEU A 162 12.94 8.99 1.15
C LEU A 162 14.12 9.47 0.33
N GLN A 163 13.82 10.09 -0.83
CA GLN A 163 14.85 10.62 -1.68
C GLN A 163 15.84 11.57 -0.98
N PRO A 164 15.36 12.41 -0.08
CA PRO A 164 16.34 13.28 0.56
C PRO A 164 17.41 12.58 1.40
N TYR A 165 17.10 11.33 1.77
CA TYR A 165 17.96 10.51 2.60
C TYR A 165 18.86 9.60 1.76
N HIS A 166 18.82 9.70 0.42
CA HIS A 166 19.68 8.82 -0.42
C HIS A 166 21.14 9.17 -0.06
N CYS A 167 21.98 8.16 0.11
CA CYS A 167 23.36 8.43 0.61
C CYS A 167 24.40 7.42 0.30
N THR A 168 24.13 6.48 -0.60
CA THR A 168 25.05 5.39 -0.90
C THR A 168 25.85 5.61 -2.15
N ASP A 169 25.58 6.67 -2.91
CA ASP A 169 26.19 6.88 -4.22
C ASP A 169 25.79 5.84 -5.28
N LEU A 170 24.74 5.07 -5.00
CA LEU A 170 24.20 4.12 -5.95
C LEU A 170 22.91 4.66 -6.49
N LYS A 171 22.66 4.42 -7.77
CA LYS A 171 21.35 4.71 -8.35
C LYS A 171 20.59 3.40 -8.40
N VAL A 172 19.34 3.45 -7.95
CA VAL A 172 18.49 2.30 -7.81
C VAL A 172 17.37 2.40 -8.81
N HIS A 173 17.15 1.38 -9.61
CA HIS A 173 16.20 1.36 -10.66
C HIS A 173 15.23 0.17 -10.44
N PHE A 174 14.02 0.30 -10.93
CA PHE A 174 12.96 -0.70 -10.72
C PHE A 174 12.41 -1.19 -12.08
N VAL A 175 12.53 -2.45 -12.37
CA VAL A 175 12.04 -3.11 -13.56
C VAL A 175 10.92 -4.03 -13.09
N SER A 176 9.75 -3.98 -13.71
CA SER A 176 8.62 -4.72 -13.21
C SER A 176 7.73 -5.31 -14.33
N ASN A 177 7.07 -4.42 -15.08
CA ASN A 177 6.16 -4.86 -16.11
C ASN A 177 6.87 -5.80 -17.08
N VAL A 178 6.12 -6.77 -17.59
CA VAL A 178 6.63 -7.54 -18.71
C VAL A 178 6.82 -6.66 -19.96
N ASP A 179 6.05 -5.59 -20.14
CA ASP A 179 6.30 -4.64 -21.22
C ASP A 179 7.78 -4.27 -21.15
N ALA A 180 8.51 -4.54 -22.24
CA ALA A 180 9.96 -4.39 -22.21
C ALA A 180 10.42 -2.93 -22.09
N ASP A 181 9.48 -2.00 -22.26
CA ASP A 181 9.80 -0.62 -21.92
C ASP A 181 10.38 -0.52 -20.50
N SER A 182 9.86 -1.29 -19.53
CA SER A 182 10.34 -1.25 -18.16
C SER A 182 11.81 -1.64 -18.03
N LEU A 183 12.12 -2.80 -18.57
CA LEU A 183 13.54 -3.26 -18.58
C LEU A 183 14.42 -2.29 -19.31
N LEU A 184 13.94 -1.79 -20.44
CA LEU A 184 14.78 -0.88 -21.26
C LEU A 184 15.07 0.44 -20.59
N GLN A 185 14.15 0.93 -19.77
CA GLN A 185 14.41 2.21 -19.10
C GLN A 185 15.60 2.09 -18.16
N ALA A 186 15.80 0.91 -17.58
CA ALA A 186 16.98 0.65 -16.78
C ALA A 186 18.19 0.37 -17.64
N LEU A 187 18.09 -0.59 -18.57
CA LEU A 187 19.27 -0.99 -19.36
C LEU A 187 19.83 0.15 -20.16
N HIS A 188 19.00 1.10 -20.57
CA HIS A 188 19.51 2.25 -21.35
C HIS A 188 20.47 3.15 -20.56
N VAL A 189 20.48 3.07 -19.24
CA VAL A 189 21.22 4.00 -18.40
C VAL A 189 22.20 3.29 -17.46
N VAL A 190 22.36 1.98 -17.64
CA VAL A 190 23.29 1.26 -16.78
C VAL A 190 24.26 0.42 -17.59
N ASP A 191 25.42 0.13 -17.00
CA ASP A 191 26.54 -0.59 -17.62
C ASP A 191 26.64 -1.97 -16.99
N PRO A 192 26.69 -3.02 -17.79
CA PRO A 192 26.77 -4.36 -17.21
C PRO A 192 27.92 -4.51 -16.23
N GLU A 193 29.06 -3.84 -16.45
CA GLU A 193 30.21 -4.04 -15.57
C GLU A 193 30.06 -3.40 -14.17
N THR A 194 29.11 -2.51 -14.00
CA THR A 194 28.94 -1.74 -12.77
C THR A 194 27.54 -1.83 -12.15
N THR A 195 26.77 -2.85 -12.56
CA THR A 195 25.38 -2.99 -12.14
C THR A 195 25.20 -4.32 -11.38
N LEU A 196 24.52 -4.24 -10.26
CA LEU A 196 24.04 -5.41 -9.53
C LEU A 196 22.54 -5.53 -9.73
N LEU A 197 22.11 -6.69 -10.20
CA LEU A 197 20.73 -7.01 -10.50
C LEU A 197 20.19 -7.87 -9.35
N ILE A 198 18.99 -7.54 -8.94
CA ILE A 198 18.26 -8.22 -7.82
C ILE A 198 17.06 -8.87 -8.44
N ILE A 199 16.94 -10.19 -8.31
CA ILE A 199 15.70 -10.88 -8.75
C ILE A 199 14.81 -11.03 -7.49
N ALA A 200 13.75 -10.23 -7.38
CA ALA A 200 12.90 -10.21 -6.17
C ALA A 200 11.66 -10.99 -6.52
N SER A 201 11.55 -12.20 -5.96
CA SER A 201 10.36 -13.00 -6.23
C SER A 201 10.15 -14.05 -5.15
N LYS A 202 9.10 -13.86 -4.38
CA LYS A 202 8.76 -14.81 -3.31
C LYS A 202 8.61 -16.18 -3.86
N SER A 203 7.86 -16.32 -4.93
CA SER A 203 7.61 -17.64 -5.53
C SER A 203 8.69 -18.14 -6.47
N PHE A 204 9.46 -17.23 -7.05
CA PHE A 204 10.39 -17.47 -8.10
C PHE A 204 9.75 -18.09 -9.35
N SER A 205 8.45 -17.86 -9.57
CA SER A 205 7.83 -18.38 -10.79
C SER A 205 6.87 -17.43 -11.49
N THR A 206 7.02 -16.15 -11.23
CA THR A 206 6.11 -15.15 -11.78
C THR A 206 6.55 -14.83 -13.21
N GLU A 207 5.62 -14.95 -14.16
CA GLU A 207 5.90 -14.80 -15.60
CA GLU A 207 6.06 -14.88 -15.55
C GLU A 207 6.74 -13.56 -15.92
N GLU A 208 6.30 -12.43 -15.43
CA GLU A 208 6.97 -11.16 -15.80
C GLU A 208 8.42 -11.11 -15.32
N THR A 209 8.60 -11.53 -14.07
CA THR A 209 9.91 -11.49 -13.44
C THR A 209 10.83 -12.56 -14.09
N LEU A 210 10.30 -13.73 -14.48
CA LEU A 210 11.08 -14.72 -15.24
C LEU A 210 11.57 -14.10 -16.52
N LEU A 211 10.66 -13.52 -17.29
CA LEU A 211 11.04 -13.01 -18.61
C LEU A 211 12.04 -11.84 -18.45
N ASN A 212 11.77 -10.94 -17.52
CA ASN A 212 12.67 -9.82 -17.30
C ASN A 212 14.07 -10.28 -16.82
N SER A 213 14.12 -11.28 -15.93
CA SER A 213 15.40 -11.77 -15.42
CA SER A 213 15.38 -11.78 -15.40
C SER A 213 16.19 -12.50 -16.49
N ILE A 214 15.52 -13.29 -17.34
CA ILE A 214 16.16 -13.96 -18.47
C ILE A 214 16.69 -12.92 -19.44
N SER A 215 15.88 -11.91 -19.77
CA SER A 215 16.37 -10.87 -20.63
C SER A 215 17.56 -10.07 -20.07
N ALA A 216 17.56 -9.82 -18.77
CA ALA A 216 18.66 -9.11 -18.13
C ALA A 216 19.90 -9.97 -18.13
N ARG A 217 19.76 -11.26 -17.92
CA ARG A 217 20.90 -12.14 -17.93
CA ARG A 217 20.89 -12.19 -17.94
C ARG A 217 21.49 -12.21 -19.34
N GLU A 218 20.61 -12.24 -20.36
CA GLU A 218 21.09 -12.24 -21.74
C GLU A 218 21.86 -10.96 -22.06
N TRP A 219 21.42 -9.82 -21.55
CA TRP A 219 22.13 -8.55 -21.71
C TRP A 219 23.50 -8.59 -21.06
N LEU A 220 23.53 -9.15 -19.84
CA LEU A 220 24.79 -9.23 -19.10
C LEU A 220 25.76 -10.10 -19.84
N LEU A 221 25.31 -11.27 -20.28
CA LEU A 221 26.16 -12.25 -20.96
C LEU A 221 26.51 -11.86 -22.38
N ASP A 222 25.64 -11.07 -23.04
CA ASP A 222 26.03 -10.49 -24.33
C ASP A 222 27.30 -9.67 -24.16
N HIS A 223 27.40 -8.95 -23.04
CA HIS A 223 28.56 -8.16 -22.79
C HIS A 223 29.78 -8.98 -22.42
N TYR A 224 29.64 -9.77 -21.37
CA TYR A 224 30.77 -10.52 -20.86
C TYR A 224 31.13 -11.79 -21.59
N GLU A 225 30.17 -12.46 -22.22
CA GLU A 225 30.43 -13.69 -22.95
C GLU A 225 31.05 -14.79 -22.05
N ASP A 226 30.68 -14.76 -20.77
CA ASP A 226 31.28 -15.65 -19.75
C ASP A 226 30.23 -15.82 -18.66
N GLU A 227 29.69 -17.03 -18.54
CA GLU A 227 28.68 -17.37 -17.51
C GLU A 227 29.12 -17.09 -16.08
N LYS A 228 30.43 -17.12 -15.83
CA LYS A 228 30.95 -16.83 -14.50
CA LYS A 228 30.97 -16.82 -14.51
C LYS A 228 30.62 -15.42 -14.02
N ALA A 229 30.33 -14.49 -14.94
CA ALA A 229 29.94 -13.15 -14.55
C ALA A 229 28.65 -13.04 -13.79
N VAL A 230 27.73 -14.00 -13.96
CA VAL A 230 26.50 -13.99 -13.15
C VAL A 230 26.75 -13.87 -11.65
N ALA A 231 27.82 -14.47 -11.18
CA ALA A 231 28.12 -14.48 -9.76
C ALA A 231 28.31 -13.10 -9.21
N ASN A 232 28.91 -12.20 -9.99
CA ASN A 232 29.18 -10.87 -9.48
C ASN A 232 28.05 -9.90 -9.73
N HIS A 233 27.05 -10.30 -10.50
CA HIS A 233 26.07 -9.33 -10.98
C HIS A 233 24.60 -9.63 -10.65
N PHE A 234 24.35 -10.76 -9.95
CA PHE A 234 22.98 -11.13 -9.56
C PHE A 234 22.91 -11.56 -8.14
N VAL A 235 21.87 -11.12 -7.45
CA VAL A 235 21.39 -11.72 -6.20
C VAL A 235 19.93 -12.02 -6.36
N ALA A 236 19.38 -12.85 -5.48
CA ALA A 236 17.96 -13.24 -5.54
C ALA A 236 17.37 -13.09 -4.15
N ILE A 237 16.08 -12.80 -4.10
CA ILE A 237 15.29 -12.75 -2.88
C ILE A 237 14.11 -13.67 -3.09
N SER A 238 13.96 -14.73 -2.27
CA SER A 238 12.86 -15.64 -2.48
C SER A 238 12.54 -16.40 -1.24
N SER A 239 11.36 -17.02 -1.23
CA SER A 239 11.03 -18.07 -0.24
C SER A 239 11.31 -19.45 -0.80
N LYS A 240 11.65 -19.52 -2.09
CA LYS A 240 11.81 -20.77 -2.84
C LYS A 240 13.23 -20.96 -3.33
N LEU A 241 14.11 -21.31 -2.39
CA LEU A 241 15.53 -21.33 -2.70
C LEU A 241 15.93 -22.40 -3.70
N ASP A 242 15.23 -23.53 -3.75
CA ASP A 242 15.53 -24.54 -4.75
C ASP A 242 15.35 -24.04 -6.14
N LYS A 243 14.37 -23.14 -6.34
CA LYS A 243 14.13 -22.57 -7.67
C LYS A 243 15.18 -21.53 -8.07
N VAL A 244 15.79 -20.87 -7.09
CA VAL A 244 16.84 -19.93 -7.40
C VAL A 244 18.09 -20.61 -7.94
N LYS A 245 18.46 -21.72 -7.29
CA LYS A 245 19.62 -22.49 -7.71
CA LYS A 245 19.64 -22.46 -7.74
C LYS A 245 19.39 -22.95 -9.15
N GLU A 246 18.18 -23.41 -9.41
CA GLU A 246 17.84 -23.89 -10.71
CA GLU A 246 17.84 -23.87 -10.74
C GLU A 246 18.08 -22.80 -11.80
N PHE A 247 17.88 -21.49 -11.48
CA PHE A 247 18.20 -20.36 -12.39
C PHE A 247 19.69 -20.02 -12.57
N GLY A 248 20.55 -20.50 -11.68
CA GLY A 248 21.98 -20.23 -11.78
C GLY A 248 22.62 -19.35 -10.73
N ILE A 249 21.85 -19.03 -9.68
CA ILE A 249 22.35 -18.22 -8.59
C ILE A 249 22.55 -19.13 -7.40
N ASP A 250 23.71 -19.01 -6.78
CA ASP A 250 23.96 -19.89 -5.64
C ASP A 250 23.41 -19.39 -4.35
N LEU A 251 23.40 -20.27 -3.36
CA LEU A 251 22.75 -19.96 -2.10
CA LEU A 251 22.76 -20.01 -2.08
C LEU A 251 23.38 -18.80 -1.39
N GLU A 252 24.66 -18.58 -1.58
CA GLU A 252 25.33 -17.49 -0.89
CA GLU A 252 25.39 -17.51 -0.94
C GLU A 252 24.86 -16.13 -1.45
N HIS A 253 24.29 -16.15 -2.64
CA HIS A 253 23.73 -14.94 -3.27
C HIS A 253 22.21 -14.90 -3.17
N CYS A 254 21.61 -15.72 -2.29
CA CYS A 254 20.16 -15.78 -2.14
CA CYS A 254 20.15 -15.84 -2.09
C CYS A 254 19.80 -15.27 -0.73
N TYR A 255 18.77 -14.47 -0.69
CA TYR A 255 18.28 -13.75 0.51
C TYR A 255 16.88 -14.22 0.74
N LYS A 256 16.55 -14.46 1.99
CA LYS A 256 15.34 -15.21 2.31
CA LYS A 256 15.34 -15.24 2.28
C LYS A 256 14.20 -14.35 2.66
N MET A 257 13.03 -14.81 2.26
CA MET A 257 11.80 -14.38 2.92
CA MET A 257 11.80 -14.38 2.89
C MET A 257 10.98 -15.65 3.16
N TRP A 258 9.89 -15.51 3.84
CA TRP A 258 9.13 -16.63 4.32
C TRP A 258 7.71 -16.58 3.85
N ASP A 259 7.03 -17.72 3.95
CA ASP A 259 5.65 -17.79 3.47
CA ASP A 259 5.62 -17.89 3.54
C ASP A 259 4.70 -16.86 4.18
N TRP A 260 5.03 -16.49 5.43
CA TRP A 260 4.23 -15.61 6.23
C TRP A 260 4.44 -14.12 5.99
N VAL A 261 5.26 -13.81 5.00
CA VAL A 261 5.42 -12.43 4.48
C VAL A 261 4.60 -12.29 3.21
N GLY A 262 3.44 -11.67 3.29
CA GLY A 262 2.65 -11.40 2.07
C GLY A 262 3.40 -10.42 1.18
N GLY A 263 3.33 -10.62 -0.16
CA GLY A 263 4.04 -9.71 -1.07
C GLY A 263 3.73 -8.22 -0.79
N ARG A 264 2.44 -7.91 -0.62
CA ARG A 264 1.99 -6.55 -0.39
C ARG A 264 2.29 -5.99 1.02
N TYR A 265 2.93 -6.82 1.85
CA TYR A 265 3.42 -6.48 3.16
C TYR A 265 4.90 -6.84 3.29
N SER A 266 5.63 -6.85 2.19
CA SER A 266 6.99 -7.36 2.15
C SER A 266 8.16 -6.38 2.13
N LEU A 267 7.91 -5.08 2.00
CA LEU A 267 9.04 -4.17 1.89
C LEU A 267 9.92 -4.19 3.14
N TRP A 268 9.35 -4.64 4.27
CA TRP A 268 10.03 -4.72 5.55
C TRP A 268 11.05 -5.86 5.61
N SER A 269 10.91 -6.83 4.68
CA SER A 269 11.75 -8.05 4.60
C SER A 269 12.99 -7.81 3.74
N SER A 270 13.67 -8.87 3.37
CA SER A 270 14.80 -8.76 2.42
C SER A 270 14.37 -8.13 1.10
N ILE A 271 13.06 -8.19 0.77
CA ILE A 271 12.55 -7.52 -0.42
C ILE A 271 12.87 -6.04 -0.38
N GLY A 272 13.00 -5.46 0.80
CA GLY A 272 13.39 -4.07 0.92
C GLY A 272 14.89 -3.78 0.69
N MET A 273 15.67 -4.73 0.21
CA MET A 273 17.11 -4.52 0.08
C MET A 273 17.36 -3.30 -0.83
N SER A 274 16.59 -3.13 -1.90
CA SER A 274 16.74 -1.96 -2.78
C SER A 274 16.55 -0.65 -2.04
N ILE A 275 15.69 -0.65 -1.00
CA ILE A 275 15.54 0.56 -0.17
C ILE A 275 16.86 0.81 0.55
N ALA A 276 17.44 -0.21 1.20
CA ALA A 276 18.71 -0.06 1.87
C ALA A 276 19.83 0.39 0.94
N PHE A 277 19.78 -0.09 -0.30
CA PHE A 277 20.82 0.28 -1.26
C PHE A 277 20.71 1.78 -1.63
N ALA A 278 19.55 2.40 -1.43
CA ALA A 278 19.38 3.85 -1.69
C ALA A 278 19.71 4.68 -0.46
N ILE A 279 19.14 4.29 0.66
CA ILE A 279 19.20 5.12 1.87
C ILE A 279 20.16 4.65 2.95
N GLY A 280 20.84 3.51 2.73
CA GLY A 280 21.71 2.89 3.71
C GLY A 280 20.94 2.05 4.70
N TYR A 281 21.62 1.10 5.30
CA TYR A 281 20.98 0.18 6.23
C TYR A 281 20.54 0.88 7.48
N ASP A 282 21.29 1.85 7.98
CA ASP A 282 20.83 2.53 9.18
C ASP A 282 19.44 3.16 9.01
N ASN A 283 19.22 3.83 7.89
CA ASN A 283 17.94 4.43 7.61
C ASN A 283 16.86 3.38 7.38
N PHE A 284 17.23 2.24 6.77
CA PHE A 284 16.28 1.13 6.66
C PHE A 284 15.83 0.65 8.07
N GLU A 285 16.76 0.58 9.01
CA GLU A 285 16.40 0.21 10.41
C GLU A 285 15.45 1.26 10.99
N LYS A 286 15.64 2.54 10.67
CA LYS A 286 14.74 3.56 11.19
C LYS A 286 13.33 3.40 10.61
N LEU A 287 13.22 3.12 9.33
CA LEU A 287 11.94 2.78 8.66
C LEU A 287 11.20 1.65 9.43
N LEU A 288 11.95 0.61 9.74
CA LEU A 288 11.37 -0.51 10.48
C LEU A 288 10.97 -0.09 11.91
N ALA A 289 11.82 0.71 12.61
CA ALA A 289 11.47 1.13 13.92
C ALA A 289 10.22 1.99 13.97
N GLY A 290 10.00 2.80 12.92
CA GLY A 290 8.77 3.59 12.91
C GLY A 290 7.53 2.72 12.80
N ALA A 291 7.61 1.66 11.98
CA ALA A 291 6.53 0.69 11.92
C ALA A 291 6.33 -0.02 13.23
N TYR A 292 7.42 -0.43 13.88
CA TYR A 292 7.32 -1.07 15.20
C TYR A 292 6.56 -0.17 16.15
N SER A 293 6.82 1.14 16.12
CA SER A 293 6.15 2.01 17.09
C SER A 293 4.65 1.92 16.96
N VAL A 294 4.18 1.83 15.73
CA VAL A 294 2.77 1.71 15.43
C VAL A 294 2.23 0.33 15.74
N ASP A 295 3.02 -0.71 15.51
CA ASP A 295 2.64 -2.05 15.90
C ASP A 295 2.36 -2.11 17.42
N LYS A 296 3.25 -1.53 18.23
CA LYS A 296 3.07 -1.49 19.67
C LYS A 296 1.83 -0.72 20.09
N HIS A 297 1.61 0.44 19.45
CA HIS A 297 0.39 1.22 19.64
C HIS A 297 -0.85 0.38 19.35
N PHE A 298 -0.87 -0.29 18.21
CA PHE A 298 -2.03 -1.04 17.76
C PHE A 298 -2.29 -2.21 18.68
N LYS A 299 -1.23 -2.94 19.00
CA LYS A 299 -1.36 -4.12 19.85
C LYS A 299 -1.80 -3.82 21.27
N GLU A 300 -1.40 -2.68 21.81
CA GLU A 300 -1.54 -2.43 23.25
C GLU A 300 -2.63 -1.44 23.63
N THR A 301 -3.18 -0.71 22.66
CA THR A 301 -4.03 0.45 23.00
C THR A 301 -5.50 0.09 22.90
N GLU A 302 -6.25 0.48 23.96
CA GLU A 302 -7.70 0.32 23.93
C GLU A 302 -8.32 0.88 22.67
N PHE A 303 -9.36 0.23 22.15
CA PHE A 303 -9.89 0.60 20.84
C PHE A 303 -10.29 2.06 20.69
N SER A 304 -10.83 2.65 21.73
CA SER A 304 -11.28 4.07 21.66
C SER A 304 -10.13 5.08 21.44
N LYS A 305 -8.88 4.66 21.61
CA LYS A 305 -7.71 5.50 21.48
CA LYS A 305 -7.71 5.51 21.45
C LYS A 305 -6.71 4.93 20.46
N ASN A 306 -7.17 3.99 19.65
CA ASN A 306 -6.30 3.16 18.78
C ASN A 306 -6.50 3.66 17.33
N ILE A 307 -5.48 4.28 16.77
CA ILE A 307 -5.61 4.99 15.49
C ILE A 307 -6.07 4.07 14.36
N PRO A 308 -5.39 2.93 14.15
CA PRO A 308 -5.87 2.04 13.08
C PRO A 308 -7.29 1.53 13.24
N VAL A 309 -7.67 1.25 14.47
CA VAL A 309 -9.04 0.83 14.72
C VAL A 309 -10.04 1.93 14.34
N ILE A 310 -9.80 3.17 14.76
CA ILE A 310 -10.67 4.28 14.40
C ILE A 310 -10.68 4.46 12.86
N MET A 311 -9.52 4.39 12.21
CA MET A 311 -9.48 4.51 10.76
C MET A 311 -10.42 3.48 10.11
N ALA A 312 -10.27 2.23 10.59
CA ALA A 312 -11.04 1.13 10.02
C ALA A 312 -12.55 1.32 10.28
N LEU A 313 -12.91 1.66 11.52
CA LEU A 313 -14.33 1.83 11.85
C LEU A 313 -14.95 2.96 11.02
N LEU A 314 -14.26 4.09 10.85
CA LEU A 314 -14.82 5.17 10.03
C LEU A 314 -15.04 4.68 8.62
N ALA A 315 -14.02 4.04 8.02
CA ALA A 315 -14.10 3.65 6.63
C ALA A 315 -15.24 2.67 6.40
N SER A 316 -15.32 1.63 7.24
CA SER A 316 -16.35 0.64 7.08
C SER A 316 -17.74 1.18 7.42
N TYR A 317 -17.80 2.11 8.34
CA TYR A 317 -19.07 2.78 8.62
C TYR A 317 -19.57 3.47 7.35
N TYR A 318 -18.70 4.27 6.69
CA TYR A 318 -19.16 4.95 5.51
C TYR A 318 -19.60 4.00 4.41
N SER A 319 -18.78 2.97 4.17
CA SER A 319 -19.07 2.09 3.05
C SER A 319 -20.27 1.20 3.28
N CYS A 320 -20.61 0.97 4.55
CA CYS A 320 -21.86 0.34 4.97
C CYS A 320 -23.04 1.30 4.86
N THR A 321 -23.00 2.38 5.58
CA THR A 321 -24.17 3.19 5.84
CA THR A 321 -24.20 3.19 5.83
C THR A 321 -24.51 4.16 4.73
N TYR A 322 -23.44 4.69 4.07
CA TYR A 322 -23.62 5.62 2.98
C TYR A 322 -23.55 4.88 1.60
N ASN A 323 -23.23 3.58 1.62
CA ASN A 323 -23.08 2.74 0.41
C ASN A 323 -22.04 3.33 -0.56
N SER A 324 -21.12 4.08 -0.01
CA SER A 324 -19.99 4.57 -0.82
C SER A 324 -19.14 3.41 -1.33
N GLN A 325 -18.55 3.60 -2.50
CA GLN A 325 -17.79 2.57 -3.19
C GLN A 325 -16.32 2.97 -3.47
N SER A 326 -15.88 4.07 -2.86
CA SER A 326 -14.51 4.51 -2.96
C SER A 326 -14.10 5.36 -1.81
N GLN A 327 -12.80 5.50 -1.63
CA GLN A 327 -12.22 6.41 -0.65
C GLN A 327 -11.08 7.14 -1.32
N ALA A 328 -10.90 8.43 -1.01
CA ALA A 328 -9.83 9.25 -1.58
C ALA A 328 -8.75 9.50 -0.56
N LEU A 329 -7.48 9.40 -1.00
CA LEU A 329 -6.29 9.58 -0.19
C LEU A 329 -5.46 10.65 -0.90
N LEU A 330 -5.19 11.73 -0.18
CA LEU A 330 -4.64 12.97 -0.72
C LEU A 330 -3.34 13.34 -0.02
N PRO A 331 -2.20 12.84 -0.47
CA PRO A 331 -0.94 13.18 0.15
C PRO A 331 -0.40 14.50 -0.31
N TYR A 332 -0.27 15.43 0.63
CA TYR A 332 0.22 16.80 0.31
C TYR A 332 1.74 16.89 0.40
N ASP A 333 2.40 16.00 -0.35
CA ASP A 333 3.87 16.04 -0.46
C ASP A 333 4.27 15.25 -1.69
N GLU A 334 5.01 15.88 -2.53
CA GLU A 334 5.53 15.30 -3.79
C GLU A 334 6.24 13.97 -3.56
N ARG A 335 6.89 13.79 -2.41
CA ARG A 335 7.66 12.60 -2.17
C ARG A 335 6.77 11.39 -2.04
N LEU A 336 5.51 11.62 -1.76
CA LEU A 336 4.49 10.58 -1.61
C LEU A 336 3.75 10.30 -2.92
N CYS A 337 4.41 10.53 -4.05
CA CYS A 337 3.75 10.31 -5.33
CA CYS A 337 3.73 10.31 -5.33
C CYS A 337 3.39 8.86 -5.69
N TYR A 338 4.04 7.87 -5.04
CA TYR A 338 3.64 6.50 -5.23
C TYR A 338 2.84 5.92 -4.06
N PHE A 339 2.52 6.71 -3.05
CA PHE A 339 1.87 6.25 -1.85
C PHE A 339 0.44 5.77 -2.13
N VAL A 340 -0.36 6.53 -2.84
CA VAL A 340 -1.68 6.02 -3.26
C VAL A 340 -1.59 4.68 -3.99
N ASP A 341 -0.68 4.58 -4.99
CA ASP A 341 -0.54 3.34 -5.74
CA ASP A 341 -0.54 3.33 -5.74
C ASP A 341 -0.24 2.16 -4.80
N TYR A 342 0.67 2.38 -3.85
CA TYR A 342 1.08 1.39 -2.89
C TYR A 342 -0.07 0.92 -2.04
N LEU A 343 -0.81 1.86 -1.50
CA LEU A 343 -1.96 1.53 -0.60
C LEU A 343 -3.10 0.99 -1.42
N GLN A 344 -3.27 1.38 -2.66
CA GLN A 344 -4.24 0.78 -3.50
CA GLN A 344 -4.24 0.76 -3.59
C GLN A 344 -4.03 -0.74 -3.60
N GLN A 345 -2.79 -1.19 -3.79
CA GLN A 345 -2.51 -2.58 -3.71
C GLN A 345 -2.79 -3.15 -2.32
N ALA A 346 -2.19 -2.55 -1.29
CA ALA A 346 -2.36 -3.14 0.05
C ALA A 346 -3.81 -3.30 0.42
N ASP A 347 -4.61 -2.29 0.15
CA ASP A 347 -6.03 -2.27 0.55
C ASP A 347 -6.84 -3.16 -0.38
N MET A 348 -6.90 -2.83 -1.67
CA MET A 348 -7.86 -3.52 -2.57
C MET A 348 -7.53 -4.98 -2.75
N GLU A 349 -6.24 -5.32 -2.83
CA GLU A 349 -5.89 -6.73 -2.98
C GLU A 349 -6.20 -7.51 -1.68
N SER A 350 -6.12 -6.88 -0.53
CA SER A 350 -6.49 -7.53 0.69
C SER A 350 -7.97 -7.77 0.82
N ASN A 351 -8.72 -6.69 0.66
CA ASN A 351 -10.12 -6.70 1.09
C ASN A 351 -11.16 -6.78 -0.06
N GLY A 352 -10.69 -6.93 -1.31
CA GLY A 352 -11.55 -7.27 -2.42
C GLY A 352 -11.88 -8.75 -2.48
N LYS A 353 -12.79 -9.16 -1.62
CA LYS A 353 -13.15 -10.55 -1.35
C LYS A 353 -14.67 -10.65 -1.23
N SER A 354 -15.22 -11.73 -1.77
CA SER A 354 -16.67 -11.90 -1.81
C SER A 354 -17.18 -12.96 -0.86
N VAL A 355 -16.27 -13.76 -0.30
CA VAL A 355 -16.64 -14.79 0.67
C VAL A 355 -15.97 -14.54 1.99
N ASN A 356 -16.64 -15.02 3.05
CA ASN A 356 -16.09 -14.96 4.39
C ASN A 356 -15.12 -16.12 4.65
N ILE A 357 -14.59 -16.16 5.87
CA ILE A 357 -13.60 -17.17 6.24
C ILE A 357 -14.15 -18.57 6.03
N ALA A 358 -15.46 -18.75 6.25
CA ALA A 358 -16.12 -20.05 6.08
C ALA A 358 -16.42 -20.37 4.62
N GLY A 359 -16.13 -19.46 3.68
CA GLY A 359 -16.41 -19.71 2.27
C GLY A 359 -17.82 -19.31 1.81
N GLU A 360 -18.59 -18.65 2.69
CA GLU A 360 -19.93 -18.24 2.36
C GLU A 360 -19.89 -16.91 1.63
N THR A 361 -20.71 -16.77 0.59
CA THR A 361 -20.84 -15.51 -0.12
C THR A 361 -21.47 -14.49 0.83
N VAL A 362 -20.84 -13.35 1.03
CA VAL A 362 -21.32 -12.37 2.01
C VAL A 362 -22.39 -11.48 1.38
N ASN A 363 -23.37 -11.05 2.19
CA ASN A 363 -24.44 -10.21 1.64
CA ASN A 363 -24.46 -10.24 1.67
C ASN A 363 -24.27 -8.75 1.91
N TYR A 364 -23.04 -8.33 2.22
CA TYR A 364 -22.69 -6.95 2.44
C TYR A 364 -21.45 -6.67 1.60
N GLN A 365 -21.29 -5.42 1.28
CA GLN A 365 -20.15 -4.96 0.50
C GLN A 365 -18.88 -5.04 1.36
N THR A 366 -17.77 -5.42 0.74
CA THR A 366 -16.50 -5.48 1.43
C THR A 366 -15.59 -4.35 0.90
N GLY A 367 -14.36 -4.62 0.51
CA GLY A 367 -13.43 -3.58 0.20
C GLY A 367 -13.86 -2.71 -0.96
N VAL A 368 -13.56 -1.40 -0.84
CA VAL A 368 -13.95 -0.46 -1.86
C VAL A 368 -12.71 0.02 -2.59
N VAL A 369 -12.92 0.85 -3.61
CA VAL A 369 -11.85 1.36 -4.41
C VAL A 369 -11.07 2.43 -3.64
N LEU A 370 -9.76 2.35 -3.64
CA LEU A 370 -8.92 3.40 -3.06
C LEU A 370 -8.28 4.14 -4.22
N TRP A 371 -8.32 5.46 -4.18
CA TRP A 371 -7.76 6.32 -5.21
C TRP A 371 -7.33 7.63 -4.60
N GLY A 372 -6.78 8.50 -5.42
CA GLY A 372 -6.46 9.83 -4.92
C GLY A 372 -5.39 10.49 -5.76
N GLY A 373 -4.63 11.36 -5.13
CA GLY A 373 -3.61 12.07 -5.82
C GLY A 373 -2.95 13.15 -4.97
N VAL A 374 -1.73 13.51 -5.36
CA VAL A 374 -0.95 14.46 -4.60
C VAL A 374 -1.56 15.86 -4.65
N GLY A 375 -1.51 16.50 -3.49
CA GLY A 375 -1.87 17.91 -3.33
C GLY A 375 -0.60 18.75 -3.35
N THR A 376 -0.66 19.96 -3.87
CA THR A 376 -1.88 20.68 -4.21
C THR A 376 -2.45 20.37 -5.60
N ASN A 377 -1.72 19.62 -6.41
CA ASN A 377 -2.14 19.43 -7.79
C ASN A 377 -3.60 18.92 -7.92
N GLY A 378 -4.04 18.02 -7.03
CA GLY A 378 -5.39 17.50 -7.17
C GLY A 378 -6.46 18.52 -7.08
N GLN A 379 -6.17 19.64 -6.41
CA GLN A 379 -7.12 20.77 -6.25
C GLN A 379 -7.52 21.36 -7.59
N HIS A 380 -6.68 21.12 -8.60
CA HIS A 380 -6.90 21.66 -9.93
C HIS A 380 -7.58 20.66 -10.80
N ALA A 381 -7.98 19.53 -10.24
CA ALA A 381 -8.39 18.46 -11.10
C ALA A 381 -9.57 17.83 -10.35
C ALA A 381 -9.40 17.42 -10.87
N PHE A 382 -9.37 16.64 -9.79
N PHE A 382 -9.38 16.77 -9.71
CA PHE A 382 -10.49 15.92 -9.29
C PHE A 382 -11.10 16.49 -8.03
N HIS A 383 -10.43 17.46 -7.37
CA HIS A 383 -11.16 18.07 -6.20
C HIS A 383 -12.47 18.70 -6.64
N GLN A 384 -12.57 19.12 -7.91
CA GLN A 384 -13.89 19.61 -8.38
C GLN A 384 -14.99 18.61 -8.03
N LEU A 385 -14.77 17.32 -8.25
CA LEU A 385 -15.76 16.30 -8.00
C LEU A 385 -15.95 16.12 -6.50
N LEU A 386 -14.86 16.20 -5.71
CA LEU A 386 -15.01 16.14 -4.24
C LEU A 386 -15.84 17.26 -3.68
N HIS A 387 -15.81 18.44 -4.31
CA HIS A 387 -16.58 19.60 -3.82
C HIS A 387 -17.99 19.67 -4.38
N GLN A 388 -18.18 19.41 -5.67
CA GLN A 388 -19.47 19.60 -6.33
C GLN A 388 -20.06 18.42 -7.06
N GLY A 389 -19.39 17.26 -7.08
CA GLY A 389 -20.05 16.06 -7.56
C GLY A 389 -21.12 15.61 -6.59
N ASN A 390 -21.78 14.51 -6.95
CA ASN A 390 -22.83 13.97 -6.09
C ASN A 390 -22.57 12.52 -5.73
N ILE A 391 -21.31 12.23 -5.53
CA ILE A 391 -20.77 10.93 -5.04
C ILE A 391 -20.28 11.16 -3.60
N PHE A 392 -20.68 10.29 -2.68
CA PHE A 392 -20.19 10.33 -1.31
C PHE A 392 -18.85 9.58 -1.26
N ILE A 393 -17.80 10.32 -0.86
CA ILE A 393 -16.42 9.84 -0.86
C ILE A 393 -15.74 10.31 0.43
N PRO A 394 -15.40 9.37 1.35
CA PRO A 394 -14.53 9.75 2.47
C PRO A 394 -13.13 10.18 2.00
N VAL A 395 -12.55 11.16 2.67
CA VAL A 395 -11.26 11.72 2.27
C VAL A 395 -10.26 11.72 3.39
N ASP A 396 -9.06 11.18 3.12
CA ASP A 396 -7.92 11.32 4.05
C ASP A 396 -6.93 12.29 3.42
N PHE A 397 -6.47 13.29 4.17
CA PHE A 397 -5.34 14.13 3.80
C PHE A 397 -4.14 13.71 4.61
N ILE A 398 -2.98 13.63 3.97
CA ILE A 398 -1.70 13.45 4.64
C ILE A 398 -0.91 14.74 4.53
N ALA A 399 -0.57 15.38 5.65
CA ALA A 399 0.20 16.61 5.67
C ALA A 399 1.48 16.38 6.42
N ILE A 400 2.51 17.07 5.96
CA ILE A 400 3.85 16.98 6.52
C ILE A 400 4.24 18.37 7.03
N ALA A 401 4.47 18.53 8.35
CA ALA A 401 4.64 19.87 8.90
C ALA A 401 5.89 20.59 8.38
N THR A 402 7.00 19.82 8.26
CA THR A 402 8.25 20.41 7.81
CA THR A 402 8.31 20.38 7.91
C THR A 402 8.83 19.55 6.73
N SER A 403 9.34 20.21 5.69
CA SER A 403 9.90 19.56 4.52
C SER A 403 11.41 19.51 4.64
N HIS A 404 12.11 19.36 3.54
CA HIS A 404 13.53 19.11 3.53
C HIS A 404 14.35 20.24 2.92
N HIS A 405 13.77 21.44 2.89
CA HIS A 405 14.34 22.59 2.22
C HIS A 405 13.91 23.83 3.01
N ASN A 406 14.42 24.98 2.59
CA ASN A 406 14.18 26.26 3.26
C ASN A 406 13.31 27.24 2.50
N TYR A 407 12.54 26.72 1.55
CA TYR A 407 11.49 27.54 0.87
C TYR A 407 10.24 27.57 1.74
N ASP A 408 10.36 28.31 2.84
CA ASP A 408 9.35 28.28 3.88
C ASP A 408 8.00 28.83 3.34
N ASN A 409 8.04 29.82 2.45
CA ASN A 409 6.80 30.32 1.86
C ASN A 409 6.05 29.25 1.08
N HIS A 410 6.79 28.38 0.38
CA HIS A 410 6.16 27.31 -0.36
C HIS A 410 5.51 26.34 0.62
N GLN A 411 6.25 25.97 1.65
CA GLN A 411 5.79 24.97 2.62
C GLN A 411 4.52 25.50 3.34
N GLN A 412 4.55 26.77 3.74
CA GLN A 412 3.40 27.37 4.40
C GLN A 412 2.17 27.36 3.48
N ALA A 413 2.36 27.66 2.19
CA ALA A 413 1.28 27.64 1.25
C ALA A 413 0.72 26.24 1.04
N LEU A 414 1.61 25.25 0.98
CA LEU A 414 1.22 23.84 0.83
C LEU A 414 0.29 23.43 1.97
N LEU A 415 0.69 23.72 3.20
CA LEU A 415 -0.12 23.41 4.38
C LEU A 415 -1.41 24.21 4.45
N ALA A 416 -1.32 25.49 4.14
CA ALA A 416 -2.52 26.31 4.15
C ALA A 416 -3.57 25.76 3.23
N ASN A 417 -3.12 25.33 2.05
CA ASN A 417 -4.02 24.73 1.05
C ASN A 417 -4.61 23.42 1.57
N CYS A 418 -3.78 22.55 2.14
CA CYS A 418 -4.27 21.30 2.70
C CYS A 418 -5.40 21.57 3.69
N PHE A 419 -5.14 22.47 4.62
CA PHE A 419 -6.13 22.73 5.69
C PHE A 419 -7.33 23.44 5.12
N ALA A 420 -7.14 24.33 4.14
CA ALA A 420 -8.27 24.96 3.49
C ALA A 420 -9.21 24.04 2.77
N GLN A 421 -8.68 22.99 2.17
CA GLN A 421 -9.46 22.07 1.43
C GLN A 421 -10.36 21.23 2.34
N SER A 422 -9.80 20.73 3.45
CA SER A 422 -10.64 20.02 4.41
C SER A 422 -11.66 20.92 5.02
N GLN A 423 -11.29 22.18 5.27
CA GLN A 423 -12.23 23.15 5.82
C GLN A 423 -13.35 23.38 4.81
N ALA A 424 -13.02 23.50 3.53
CA ALA A 424 -14.02 23.75 2.48
C ALA A 424 -14.95 22.55 2.27
N LEU A 425 -14.43 21.32 2.38
CA LEU A 425 -15.27 20.14 2.35
C LEU A 425 -16.32 20.21 3.48
N MET A 426 -15.88 20.65 4.64
CA MET A 426 -16.77 20.74 5.83
C MET A 426 -17.81 21.84 5.66
N PHE A 427 -17.42 23.05 5.25
CA PHE A 427 -18.36 24.17 5.24
C PHE A 427 -19.13 24.42 3.96
N GLY A 428 -18.47 24.23 2.82
CA GLY A 428 -19.07 24.61 1.57
C GLY A 428 -19.36 26.08 1.54
N GLN A 429 -20.25 26.45 0.64
CA GLN A 429 -20.69 27.83 0.39
CA GLN A 429 -20.72 27.83 0.48
C GLN A 429 -22.14 27.82 -0.05
N SER A 430 -23.01 28.52 0.70
CA SER A 430 -24.41 28.48 0.42
C SER A 430 -24.78 29.42 -0.72
N TYR A 431 -25.99 29.21 -1.26
CA TYR A 431 -26.55 30.11 -2.26
C TYR A 431 -26.49 31.56 -1.81
N ASP A 432 -26.91 31.84 -0.57
CA ASP A 432 -26.91 33.21 -0.09
C ASP A 432 -25.51 33.82 -0.03
N MET A 433 -24.54 33.05 0.45
CA MET A 433 -23.17 33.51 0.52
C MET A 433 -22.68 33.80 -0.88
N VAL A 434 -22.89 32.85 -1.80
CA VAL A 434 -22.43 33.03 -3.17
C VAL A 434 -23.09 34.22 -3.86
N TYR A 435 -24.41 34.32 -3.75
CA TYR A 435 -25.17 35.40 -4.36
C TYR A 435 -24.67 36.77 -3.88
N ASN A 436 -24.49 36.92 -2.58
CA ASN A 436 -24.03 38.21 -2.05
C ASN A 436 -22.61 38.53 -2.49
N GLU A 437 -21.76 37.51 -2.63
CA GLU A 437 -20.40 37.74 -3.13
CA GLU A 437 -20.41 37.72 -3.14
C GLU A 437 -20.43 38.18 -4.60
N LEU A 438 -21.38 37.66 -5.39
CA LEU A 438 -21.47 38.01 -6.80
C LEU A 438 -21.92 39.45 -6.96
N LEU A 439 -22.90 39.86 -6.15
CA LEU A 439 -23.32 41.26 -6.14
C LEU A 439 -22.17 42.17 -5.78
N LYS A 440 -21.42 41.80 -4.74
CA LYS A 440 -20.27 42.60 -4.27
CA LYS A 440 -20.29 42.63 -4.30
C LYS A 440 -19.17 42.70 -5.35
N SER A 441 -19.06 41.67 -6.18
CA SER A 441 -18.07 41.68 -7.29
C SER A 441 -18.50 42.54 -8.47
N GLY A 442 -19.76 42.98 -8.50
CA GLY A 442 -20.24 43.90 -9.53
C GLY A 442 -21.31 43.32 -10.43
N LEU A 443 -21.72 42.08 -10.23
CA LEU A 443 -22.81 41.54 -11.05
C LEU A 443 -24.09 42.18 -10.60
N ASN A 444 -25.00 42.41 -11.54
CA ASN A 444 -26.33 42.87 -11.17
C ASN A 444 -27.12 41.68 -10.68
N GLU A 445 -28.32 41.94 -10.20
CA GLU A 445 -29.17 40.91 -9.61
C GLU A 445 -29.56 39.80 -10.59
N THR A 446 -29.82 40.11 -11.85
CA THR A 446 -30.22 39.08 -12.82
C THR A 446 -29.04 38.13 -13.07
N GLN A 447 -27.88 38.73 -13.30
CA GLN A 447 -26.66 37.99 -13.51
C GLN A 447 -26.30 37.12 -12.30
N ALA A 448 -26.43 37.67 -11.09
CA ALA A 448 -26.08 36.93 -9.90
C ALA A 448 -27.04 35.75 -9.70
N LYS A 449 -28.33 35.95 -9.99
CA LYS A 449 -29.31 34.86 -9.87
CA LYS A 449 -29.30 34.86 -9.86
C LYS A 449 -29.05 33.72 -10.86
N GLU A 450 -28.59 34.06 -12.05
CA GLU A 450 -28.31 33.08 -13.11
CA GLU A 450 -28.34 33.07 -13.10
C GLU A 450 -27.12 32.22 -12.77
N LEU A 451 -26.15 32.82 -12.09
CA LEU A 451 -24.87 32.11 -11.81
C LEU A 451 -24.78 31.41 -10.44
N ALA A 452 -25.45 31.96 -9.43
CA ALA A 452 -25.20 31.55 -8.08
C ALA A 452 -25.36 30.05 -7.84
N ALA A 453 -26.40 29.41 -8.41
CA ALA A 453 -26.64 28.01 -8.11
C ALA A 453 -25.46 27.18 -8.57
N HIS A 454 -24.78 27.64 -9.63
CA HIS A 454 -23.64 26.86 -10.18
C HIS A 454 -22.42 26.93 -9.30
N LYS A 455 -22.33 27.93 -8.43
CA LYS A 455 -21.22 28.10 -7.52
C LYS A 455 -21.49 27.55 -6.13
N VAL A 456 -22.73 27.11 -5.85
CA VAL A 456 -23.03 26.56 -4.53
C VAL A 456 -22.14 25.34 -4.29
N ILE A 457 -21.56 25.26 -3.10
CA ILE A 457 -20.74 24.13 -2.73
C ILE A 457 -21.44 23.50 -1.51
N PRO A 458 -21.96 22.30 -1.66
CA PRO A 458 -22.86 21.86 -0.58
C PRO A 458 -22.26 21.70 0.78
N GLY A 459 -21.02 21.23 0.85
CA GLY A 459 -20.35 21.09 2.11
C GLY A 459 -20.93 19.93 2.95
N ASN A 460 -20.55 19.92 4.21
CA ASN A 460 -20.87 18.84 5.11
C ASN A 460 -20.27 17.51 4.64
N ARG A 461 -19.11 17.60 3.99
CA ARG A 461 -18.39 16.42 3.50
C ARG A 461 -17.22 16.11 4.40
N PRO A 462 -17.01 14.81 4.68
CA PRO A 462 -16.11 14.42 5.74
C PRO A 462 -14.65 14.37 5.32
N SER A 463 -13.76 14.54 6.27
CA SER A 463 -12.34 14.27 6.03
C SER A 463 -11.62 13.94 7.33
N THR A 464 -10.49 13.26 7.20
CA THR A 464 -9.50 13.03 8.24
C THR A 464 -8.25 13.72 7.79
N THR A 465 -7.51 14.33 8.70
CA THR A 465 -6.18 14.83 8.42
C THR A 465 -5.17 14.11 9.30
N ILE A 466 -4.15 13.54 8.69
CA ILE A 466 -3.05 12.90 9.40
C ILE A 466 -1.84 13.78 9.16
N LEU A 467 -1.33 14.37 10.24
CA LEU A 467 -0.21 15.31 10.21
C LEU A 467 1.04 14.68 10.82
N LEU A 468 2.11 14.58 10.01
CA LEU A 468 3.41 14.12 10.44
C LEU A 468 4.27 15.34 10.74
N ASP A 469 5.20 15.21 11.67
CA ASP A 469 6.15 16.31 11.89
C ASP A 469 7.10 16.52 10.69
N GLU A 470 7.51 15.42 10.08
CA GLU A 470 8.40 15.42 8.94
C GLU A 470 8.20 14.09 8.23
N LEU A 471 8.74 13.96 7.03
CA LEU A 471 8.71 12.69 6.28
C LEU A 471 10.12 12.08 6.30
N SER A 472 10.38 11.33 7.35
CA SER A 472 11.65 10.68 7.62
C SER A 472 11.46 9.20 7.41
N PRO A 473 12.57 8.43 7.38
CA PRO A 473 12.42 6.97 7.37
C PRO A 473 11.45 6.50 8.48
N TYR A 474 11.66 6.98 9.71
CA TYR A 474 10.83 6.53 10.83
C TYR A 474 9.38 6.90 10.66
N SER A 475 9.08 8.17 10.32
CA SER A 475 7.67 8.57 10.25
C SER A 475 6.96 7.93 9.08
N LEU A 476 7.65 7.68 7.97
CA LEU A 476 7.09 6.96 6.84
C LEU A 476 6.75 5.53 7.26
N GLY A 477 7.66 4.86 7.98
CA GLY A 477 7.36 3.54 8.44
C GLY A 477 6.15 3.46 9.33
N ALA A 478 5.99 4.43 10.23
CA ALA A 478 4.79 4.55 11.09
C ALA A 478 3.57 4.76 10.25
N LEU A 479 3.64 5.64 9.28
CA LEU A 479 2.49 5.93 8.41
C LEU A 479 2.00 4.72 7.64
N ILE A 480 2.92 3.97 7.03
CA ILE A 480 2.52 2.79 6.28
C ILE A 480 1.87 1.80 7.23
N ALA A 481 2.46 1.59 8.41
CA ALA A 481 1.94 0.61 9.37
C ALA A 481 0.54 0.96 9.84
N LEU A 482 0.21 2.25 9.98
CA LEU A 482 -1.16 2.61 10.38
C LEU A 482 -2.15 2.05 9.38
N TYR A 483 -1.87 2.20 8.08
CA TYR A 483 -2.75 1.69 7.04
C TYR A 483 -2.74 0.17 6.96
N GLU A 484 -1.57 -0.46 7.17
CA GLU A 484 -1.57 -1.91 7.25
C GLU A 484 -2.57 -2.39 8.28
N HIS A 485 -2.55 -1.79 9.44
CA HIS A 485 -3.45 -2.23 10.49
C HIS A 485 -4.91 -1.81 10.27
N LYS A 486 -5.16 -0.66 9.66
CA LYS A 486 -6.49 -0.34 9.27
C LYS A 486 -7.14 -1.44 8.41
N ILE A 487 -6.37 -1.90 7.41
CA ILE A 487 -6.82 -2.89 6.44
C ILE A 487 -7.13 -4.20 7.19
N PHE A 488 -6.24 -4.57 8.11
CA PHE A 488 -6.42 -5.76 8.94
C PHE A 488 -7.75 -5.68 9.73
N VAL A 489 -7.94 -4.56 10.41
CA VAL A 489 -9.15 -4.38 11.23
C VAL A 489 -10.42 -4.49 10.34
N GLN A 490 -10.40 -3.82 9.18
CA GLN A 490 -11.57 -3.91 8.30
C GLN A 490 -11.87 -5.33 7.92
N GLY A 491 -10.83 -6.10 7.56
CA GLY A 491 -11.02 -7.50 7.21
C GLY A 491 -11.60 -8.33 8.30
N VAL A 492 -11.13 -8.09 9.52
CA VAL A 492 -11.68 -8.77 10.69
C VAL A 492 -13.15 -8.48 10.86
N LEU A 493 -13.49 -7.21 10.78
CA LEU A 493 -14.89 -6.85 11.00
C LEU A 493 -15.80 -7.40 9.90
N TRP A 494 -15.33 -7.53 8.68
CA TRP A 494 -16.05 -8.15 7.58
C TRP A 494 -15.98 -9.69 7.55
N ASP A 495 -15.19 -10.30 8.43
CA ASP A 495 -15.02 -11.74 8.54
C ASP A 495 -14.48 -12.30 7.23
N ILE A 496 -13.55 -11.60 6.57
CA ILE A 496 -12.88 -12.09 5.38
C ILE A 496 -11.42 -12.39 5.66
N ASN A 497 -10.77 -13.06 4.71
CA ASN A 497 -9.33 -13.29 4.79
C ASN A 497 -8.61 -12.22 3.98
N SER A 498 -7.99 -11.28 4.70
CA SER A 498 -7.28 -10.20 4.05
C SER A 498 -6.00 -10.64 3.37
N TYR A 499 -5.55 -11.87 3.61
CA TYR A 499 -4.15 -12.22 3.33
C TYR A 499 -3.93 -13.19 2.18
N ASP A 500 -5.00 -13.71 1.57
CA ASP A 500 -4.94 -14.49 0.34
C ASP A 500 -5.25 -13.54 -0.85
N GLN A 501 -5.11 -14.10 -2.06
CA GLN A 501 -5.40 -13.31 -3.29
C GLN A 501 -5.67 -14.25 -4.42
N TRP A 502 -6.74 -15.02 -4.31
CA TRP A 502 -7.00 -16.05 -5.30
C TRP A 502 -7.33 -15.49 -6.69
N GLY A 503 -7.67 -14.19 -6.82
N GLY A 503 -8.02 -14.36 -6.69
CA GLY A 503 -7.77 -13.49 -8.14
CA GLY A 503 -8.72 -13.94 -7.87
C GLY A 503 -6.43 -13.13 -8.78
C GLY A 503 -7.75 -13.77 -9.01
N VAL A 504 -5.47 -12.80 -7.94
N VAL A 504 -6.47 -13.72 -8.71
CA VAL A 504 -4.10 -12.58 -8.38
CA VAL A 504 -5.47 -13.50 -9.71
C VAL A 504 -3.43 -13.93 -8.72
C VAL A 504 -5.05 -14.76 -10.46
N GLU A 505 -3.64 -14.90 -7.85
N GLU A 505 -5.37 -15.94 -9.94
CA GLU A 505 -3.15 -16.22 -8.17
CA GLU A 505 -4.88 -17.15 -10.60
C GLU A 505 -3.68 -16.75 -9.53
C GLU A 505 -5.50 -17.38 -12.00
N LEU A 506 -4.98 -16.60 -9.83
N LEU A 506 -6.79 -17.13 -12.15
CA LEU A 506 -5.51 -16.98 -11.13
CA LEU A 506 -7.51 -17.43 -13.39
C LEU A 506 -4.82 -16.22 -12.25
C LEU A 506 -6.87 -16.70 -14.59
N GLY A 507 -4.66 -14.92 -12.06
N GLY A 507 -6.59 -15.40 -14.41
CA GLY A 507 -4.02 -14.10 -13.09
CA GLY A 507 -5.94 -14.63 -15.47
C GLY A 507 -2.68 -14.63 -13.57
C GLY A 507 -4.59 -15.21 -15.88
N LYS A 508 -1.90 -15.14 -12.64
N LYS A 508 -3.84 -15.78 -14.94
CA LYS A 508 -0.57 -15.71 -12.92
CA LYS A 508 -2.54 -16.35 -15.30
C LYS A 508 -0.58 -16.97 -13.76
C LYS A 508 -2.73 -17.59 -16.19
N LYS A 509 -1.74 -17.59 -13.91
N LYS A 509 -3.72 -18.43 -15.86
CA LYS A 509 -1.91 -18.81 -14.67
CA LYS A 509 -4.04 -19.65 -16.60
C LYS A 509 -2.71 -18.62 -15.96
C LYS A 509 -4.47 -19.41 -18.04
N LEU A 510 -3.22 -17.42 -16.21
N LEU A 510 -5.41 -18.47 -18.18
CA LEU A 510 -4.10 -17.23 -17.37
CA LEU A 510 -5.93 -18.19 -19.53
C LEU A 510 -3.28 -16.98 -18.61
C LEU A 510 -4.87 -17.43 -20.28
N GLY A 511 -3.91 -17.18 -19.74
N GLY A 511 -3.91 -16.84 -19.57
CA GLY A 511 -3.31 -16.73 -20.99
CA GLY A 511 -2.78 -16.09 -20.18
C GLY A 511 -2.07 -17.50 -21.42
C GLY A 511 -1.78 -17.06 -20.82
N LYS A 512 -1.58 -18.47 -20.63
N LYS A 512 -1.50 -18.17 -20.13
CA LYS A 512 -0.72 -19.51 -21.19
CA LYS A 512 -0.74 -19.22 -20.77
C LYS A 512 -1.56 -20.03 -22.34
C LYS A 512 -1.47 -19.80 -22.00
N ASN A 513 -2.84 -20.20 -22.07
N ASN A 513 -2.80 -19.90 -21.93
CA ASN A 513 -3.76 -20.63 -23.11
CA ASN A 513 -3.63 -20.50 -23.00
C ASN A 513 -3.79 -19.60 -24.24
N ILE A 514 -3.87 -18.31 -23.95
CA ILE A 514 -3.90 -17.34 -25.02
C ILE A 514 -2.56 -17.28 -25.80
N LEU A 515 -1.44 -17.40 -25.09
CA LEU A 515 -0.17 -17.44 -25.79
C LEU A 515 -0.13 -18.63 -26.71
N LYS A 516 -0.62 -19.77 -26.27
CA LYS A 516 -0.63 -20.96 -27.13
CA LYS A 516 -0.63 -20.96 -27.12
C LYS A 516 -1.47 -20.70 -28.37
N ALA A 517 -2.67 -20.12 -28.19
CA ALA A 517 -3.53 -19.70 -29.27
C ALA A 517 -2.91 -18.69 -30.22
N MET A 518 -2.17 -17.73 -29.69
CA MET A 518 -1.48 -16.76 -30.50
C MET A 518 -0.41 -17.38 -31.36
N ASN A 519 0.18 -18.48 -30.91
CA ASN A 519 1.28 -19.10 -31.64
C ASN A 519 0.86 -20.26 -32.55
N ASP A 520 -0.40 -20.67 -32.44
CA ASP A 520 -0.92 -21.77 -33.27
C ASP A 520 -2.45 -21.72 -33.39
N ASP A 521 -2.93 -21.19 -34.49
CA ASP A 521 -4.38 -21.05 -34.75
C ASP A 521 -5.10 -22.37 -35.10
N SER A 522 -4.35 -23.48 -35.15
CA SER A 522 -4.92 -24.80 -35.32
C SER A 522 -5.06 -25.51 -33.96
N SER A 523 -4.65 -24.85 -32.87
CA SER A 523 -4.66 -25.48 -31.57
C SER A 523 -6.07 -25.59 -31.03
N ASP A 524 -6.25 -26.48 -30.06
CA ASP A 524 -7.50 -26.55 -29.29
C ASP A 524 -7.76 -25.21 -28.59
N GLU A 525 -6.70 -24.66 -28.03
CA GLU A 525 -6.74 -23.35 -27.38
C GLU A 525 -7.38 -22.26 -28.26
N TYR A 526 -6.97 -22.19 -29.51
CA TYR A 526 -7.51 -21.20 -30.43
C TYR A 526 -8.97 -21.48 -30.76
N GLN A 527 -9.27 -22.75 -31.01
CA GLN A 527 -10.63 -23.14 -31.33
CA GLN A 527 -10.62 -23.16 -31.33
C GLN A 527 -11.62 -22.84 -30.21
N ASN A 528 -11.18 -22.99 -28.98
CA ASN A 528 -12.03 -22.80 -27.79
C ASN A 528 -12.19 -21.36 -27.34
N LEU A 529 -11.46 -20.45 -27.98
CA LEU A 529 -11.58 -19.03 -27.63
C LEU A 529 -12.99 -18.50 -27.84
N ASP A 530 -13.37 -17.53 -26.99
CA ASP A 530 -14.52 -16.68 -27.32
C ASP A 530 -14.08 -15.78 -28.49
N ASP A 531 -15.03 -15.34 -29.29
CA ASP A 531 -14.65 -14.60 -30.51
C ASP A 531 -14.08 -13.18 -30.27
N SER A 532 -14.33 -12.57 -29.12
CA SER A 532 -13.75 -11.26 -28.83
C SER A 532 -12.24 -11.48 -28.70
N THR A 533 -11.84 -12.44 -27.85
CA THR A 533 -10.43 -12.74 -27.71
C THR A 533 -9.82 -13.16 -29.05
N ARG A 534 -10.51 -14.01 -29.81
CA ARG A 534 -9.97 -14.45 -31.07
C ARG A 534 -9.72 -13.30 -32.07
N GLN A 535 -10.64 -12.35 -32.15
CA GLN A 535 -10.47 -11.27 -33.12
C GLN A 535 -9.42 -10.26 -32.63
N LEU A 536 -9.25 -10.08 -31.30
CA LEU A 536 -8.15 -9.27 -30.79
C LEU A 536 -6.80 -9.88 -31.16
N ILE A 537 -6.65 -11.20 -30.99
CA ILE A 537 -5.42 -11.88 -31.39
C ILE A 537 -5.20 -11.70 -32.90
N ALA A 538 -6.27 -11.83 -33.71
CA ALA A 538 -6.14 -11.70 -35.14
C ALA A 538 -5.63 -10.33 -35.51
N LYS A 539 -6.13 -9.32 -34.82
CA LYS A 539 -5.71 -7.94 -35.07
C LYS A 539 -4.25 -7.62 -34.73
N VAL A 540 -3.68 -8.29 -33.72
CA VAL A 540 -2.24 -8.14 -33.37
C VAL A 540 -1.28 -9.05 -34.14
N LYS A 541 -1.86 -9.85 -35.02
CA LYS A 541 -1.13 -10.62 -36.02
CA LYS A 541 -1.13 -10.62 -36.02
C LYS A 541 -1.00 -9.78 -37.28
N ASN A 542 -2.12 -9.17 -37.70
CA ASN A 542 -2.19 -8.35 -38.90
C ASN A 542 -2.23 -6.87 -38.50
C1 6PG B . 0.81 -9.69 -3.14
C2 6PG B . 0.62 -10.55 -4.35
C3 6PG B . 1.40 -10.15 -5.63
C4 6PG B . 2.85 -10.66 -5.67
C5 6PG B . 3.47 -10.57 -7.09
C6 6PG B . 4.92 -11.00 -7.18
O1A 6PG B . 1.30 -10.15 -2.12
O1 6PG B . 0.33 -8.56 -3.17
O2 6PG B . 0.79 -11.97 -4.07
O3 6PG B . 1.46 -8.71 -5.86
O4 6PG B . 3.66 -9.89 -4.80
O5 6PG B . 2.66 -11.44 -7.94
O6 6PG B . 5.02 -12.37 -6.71
P 6PG B . 6.47 -12.96 -6.50
O1P 6PG B . 7.14 -12.14 -5.45
O2P 6PG B . 7.17 -12.89 -7.83
O3P 6PG B . 6.18 -14.39 -6.09
O1 MES C . 5.66 -18.45 19.83
C2 MES C . 6.03 -18.54 21.18
C3 MES C . 5.34 -17.43 22.06
N4 MES C . 3.90 -17.41 21.68
C5 MES C . 3.46 -17.53 20.26
C6 MES C . 4.26 -18.58 19.51
C7 MES C . 2.75 -16.96 22.51
C8 MES C . 3.03 -16.96 23.99
S MES C . 1.90 -16.03 24.82
O1S MES C . 0.48 -16.51 24.64
O2S MES C . 2.38 -16.22 26.13
O3S MES C . 1.86 -14.62 24.37
O1 MES D . 21.41 11.76 -3.08
C2 MES D . 21.69 12.86 -2.26
C3 MES D . 20.35 13.31 -1.77
N4 MES D . 19.56 13.77 -2.91
C5 MES D . 19.74 13.25 -4.26
C6 MES D . 20.71 12.05 -4.30
C7 MES D . 18.38 14.54 -2.51
C8 MES D . 17.71 15.41 -3.52
S MES D . 16.14 15.72 -2.94
O1S MES D . 16.38 16.23 -1.56
O2S MES D . 15.60 16.84 -3.65
O3S MES D . 15.33 14.49 -2.76
P PO4 E . 2.99 17.07 14.55
O1 PO4 E . 3.27 18.31 13.70
O2 PO4 E . 4.32 16.44 14.86
O3 PO4 E . 2.06 16.05 14.02
O4 PO4 E . 2.35 17.55 15.87
C1 IPA F . 7.03 9.56 13.37
C2 IPA F . 6.10 9.34 14.52
C3 IPA F . 5.50 8.01 14.84
O2 IPA F . 6.64 10.13 15.48
CA CA G . -15.46 -8.11 23.73
#